data_8HZU
#
_entry.id   8HZU
#
_cell.length_a   77.033
_cell.length_b   84.151
_cell.length_c   62.394
_cell.angle_alpha   90.00
_cell.angle_beta   100.54
_cell.angle_gamma   90.00
#
_symmetry.space_group_name_H-M   'C 1 2 1'
#
loop_
_entity.id
_entity.type
_entity.pdbx_description
1 polymer '4-hydroxyphenylpyruvate dioxygenase'
2 non-polymer 'COBALT (II) ION'
3 non-polymer (5R)-2-butanimidoyl-5-[(2R)-2-ethylsulfanylpropyl]-3-oxidanyl-cyclohex-2-en-1-one
4 water water
#
_entity_poly.entity_id   1
_entity_poly.type   'polypeptide(L)'
_entity_poly.pdbx_seq_one_letter_code
;GSHMVRKNPKSDKFKVKRFHHIEFWCGDATNVARRFSWGLGMRFSAKSDLSTGNMVHASYLLTSGDLRFLFTAPYSPSLS
AGEIKPTTTASIPSFDHGSCRSFFSSHGLGVRAVAIEVEDAESAFSISVANGAIPSSPPIVLNEAVTIAEVKLYGDVVLR
YVSYKAEDTEKSEFLPGFERVEDASSFPLDYGIRRLDHAVGNVPELGPALTYVAGFTGFHQFAEFTADDVGTAESGLNSA
VLASNDEMVLLPINEPVHGTKRKSQIQTYLEHNEGAGLQHLALMSEDIFRTLREMRKRSSIGGFDFMPSPPPTYYQNLKK
RVGDVLSDDQIKECEELGILVDRDDQGTLLQIFTKPLGDRPTIFIEIIQRVGCMMKDEEGKAYQSGGCGGFGKGNFSELF
KSIEEYEKTLEAKQLVG
;
_entity_poly.pdbx_strand_id   A
#
loop_
_chem_comp.id
_chem_comp.type
_chem_comp.name
_chem_comp.formula
CO non-polymer 'COBALT (II) ION' 'Co 2'
T9O non-polymer (5R)-2-butanimidoyl-5-[(2R)-2-ethylsulfanylpropyl]-3-oxidanyl-cyclohex-2-en-1-one 'C15 H25 N O2 S'
#
# COMPACT_ATOMS: atom_id res chain seq x y z
N LYS A 7 24.61 0.99 -4.56
CA LYS A 7 25.04 -0.40 -4.60
C LYS A 7 23.84 -1.35 -4.53
N ASN A 8 23.58 -2.03 -5.65
CA ASN A 8 22.48 -2.99 -5.75
C ASN A 8 23.08 -4.36 -6.04
N PRO A 9 23.18 -5.24 -5.04
CA PRO A 9 23.79 -6.56 -5.26
C PRO A 9 22.90 -7.56 -5.99
N LYS A 10 21.64 -7.21 -6.27
CA LYS A 10 20.73 -8.06 -7.05
C LYS A 10 20.63 -9.48 -6.49
N SER A 11 20.32 -9.56 -5.19
CA SER A 11 20.38 -10.82 -4.46
C SER A 11 19.01 -11.47 -4.23
N ASP A 12 17.98 -11.08 -5.00
CA ASP A 12 16.67 -11.73 -4.91
C ASP A 12 16.81 -13.24 -5.00
N LYS A 13 16.24 -13.94 -4.03
CA LYS A 13 16.33 -15.39 -4.02
C LYS A 13 15.34 -16.05 -4.97
N PHE A 14 14.42 -15.28 -5.53
CA PHE A 14 13.50 -15.75 -6.57
C PHE A 14 13.11 -14.55 -7.42
N LYS A 15 12.52 -14.82 -8.58
CA LYS A 15 12.24 -13.77 -9.55
C LYS A 15 10.94 -13.07 -9.18
N VAL A 16 11.04 -11.79 -8.85
CA VAL A 16 9.91 -10.95 -8.47
C VAL A 16 9.63 -10.01 -9.64
N LYS A 17 8.35 -9.77 -9.93
CA LYS A 17 8.02 -8.88 -11.03
C LYS A 17 7.58 -7.53 -10.48
N ARG A 18 6.29 -7.38 -10.17
CA ARG A 18 5.83 -6.09 -9.68
C ARG A 18 4.81 -6.33 -8.57
N PHE A 19 4.50 -5.26 -7.84
CA PHE A 19 3.33 -5.27 -6.97
C PHE A 19 2.11 -5.70 -7.77
N HIS A 20 1.29 -6.57 -7.18
CA HIS A 20 0.12 -7.11 -7.87
C HIS A 20 -1.19 -6.56 -7.31
N HIS A 21 -1.38 -6.64 -6.00
CA HIS A 21 -2.59 -6.06 -5.41
C HIS A 21 -2.37 -5.92 -3.91
N ILE A 22 -3.26 -5.14 -3.30
CA ILE A 22 -3.31 -4.96 -1.86
C ILE A 22 -4.69 -5.43 -1.42
N GLU A 23 -4.75 -6.29 -0.40
CA GLU A 23 -6.05 -6.74 0.13
C GLU A 23 -6.29 -6.14 1.52
N PHE A 24 -7.42 -5.45 1.66
CA PHE A 24 -7.93 -4.99 2.94
C PHE A 24 -8.89 -6.02 3.51
N TRP A 25 -8.76 -6.28 4.80
CA TRP A 25 -9.76 -7.07 5.50
C TRP A 25 -10.71 -6.12 6.23
N CYS A 26 -12.00 -6.30 5.99
CA CYS A 26 -13.05 -5.34 6.33
C CYS A 26 -14.10 -6.04 7.15
N GLY A 27 -14.96 -5.24 7.76
CA GLY A 27 -16.17 -5.83 8.31
C GLY A 27 -17.30 -5.86 7.29
N ASP A 28 -17.38 -4.81 6.48
CA ASP A 28 -18.33 -4.76 5.36
C ASP A 28 -17.57 -4.29 4.13
N ALA A 29 -17.30 -5.21 3.22
CA ALA A 29 -16.47 -4.84 2.06
C ALA A 29 -17.19 -3.88 1.13
N THR A 30 -18.52 -3.98 1.03
CA THR A 30 -19.30 -3.13 0.13
C THR A 30 -19.09 -1.65 0.45
N ASN A 31 -19.28 -1.29 1.72
CA ASN A 31 -19.23 0.12 2.08
C ASN A 31 -17.82 0.67 1.99
N VAL A 32 -16.81 -0.12 2.38
CA VAL A 32 -15.46 0.38 2.26
C VAL A 32 -15.09 0.53 0.79
N ALA A 33 -15.40 -0.48 -0.03
CA ALA A 33 -15.04 -0.39 -1.45
C ALA A 33 -15.74 0.80 -2.12
N ARG A 34 -17.02 1.04 -1.81
CA ARG A 34 -17.70 2.18 -2.44
C ARG A 34 -17.06 3.51 -2.03
N ARG A 35 -16.71 3.65 -0.75
CA ARG A 35 -16.05 4.86 -0.27
C ARG A 35 -14.71 5.07 -0.97
N PHE A 36 -13.88 4.02 -1.02
CA PHE A 36 -12.58 4.14 -1.67
C PHE A 36 -12.70 4.43 -3.15
N SER A 37 -13.67 3.81 -3.82
CA SER A 37 -13.86 4.04 -5.26
C SER A 37 -14.11 5.52 -5.55
N TRP A 38 -15.02 6.13 -4.80
CA TRP A 38 -15.33 7.54 -4.99
C TRP A 38 -14.19 8.46 -4.55
N GLY A 39 -13.56 8.13 -3.41
CA GLY A 39 -12.53 9.01 -2.87
C GLY A 39 -11.23 9.00 -3.66
N LEU A 40 -10.89 7.88 -4.29
CA LEU A 40 -9.63 7.72 -4.99
C LEU A 40 -9.77 7.66 -6.50
N GLY A 41 -10.99 7.53 -7.01
CA GLY A 41 -11.21 7.44 -8.44
C GLY A 41 -10.79 6.12 -9.01
N MET A 42 -11.21 5.03 -8.37
CA MET A 42 -10.93 3.69 -8.84
C MET A 42 -12.23 3.05 -9.30
N ARG A 43 -12.17 2.26 -10.36
CA ARG A 43 -13.35 1.60 -10.92
C ARG A 43 -13.60 0.24 -10.27
N PHE A 44 -14.87 -0.12 -10.16
CA PHE A 44 -15.21 -1.51 -9.79
C PHE A 44 -14.91 -2.42 -10.98
N SER A 45 -14.05 -3.41 -10.79
CA SER A 45 -13.66 -4.21 -11.94
C SER A 45 -13.89 -5.72 -11.79
N ALA A 46 -13.92 -6.28 -10.58
CA ALA A 46 -14.22 -7.70 -10.43
C ALA A 46 -14.88 -7.94 -9.08
N LYS A 47 -15.63 -9.05 -8.98
CA LYS A 47 -16.25 -9.41 -7.71
C LYS A 47 -16.23 -10.92 -7.52
N SER A 48 -16.23 -11.33 -6.27
CA SER A 48 -16.47 -12.72 -5.90
C SER A 48 -17.33 -12.66 -4.64
N ASP A 49 -18.57 -13.13 -4.73
CA ASP A 49 -19.50 -12.96 -3.62
C ASP A 49 -20.64 -13.96 -3.82
N LEU A 50 -21.73 -13.79 -3.08
CA LEU A 50 -22.86 -14.70 -3.20
C LEU A 50 -23.35 -14.80 -4.64
N SER A 51 -23.35 -13.68 -5.37
CA SER A 51 -23.87 -13.73 -6.74
C SER A 51 -22.96 -14.52 -7.68
N THR A 52 -21.71 -14.77 -7.28
CA THR A 52 -20.80 -15.60 -8.07
C THR A 52 -20.65 -17.01 -7.51
N GLY A 53 -21.42 -17.37 -6.49
CA GLY A 53 -21.38 -18.68 -5.88
C GLY A 53 -20.44 -18.80 -4.69
N ASN A 54 -19.82 -17.71 -4.26
CA ASN A 54 -18.93 -17.72 -3.10
C ASN A 54 -19.78 -17.57 -1.85
N MET A 55 -19.89 -18.64 -1.06
CA MET A 55 -20.67 -18.65 0.19
C MET A 55 -19.85 -18.30 1.40
N VAL A 56 -18.58 -17.94 1.21
CA VAL A 56 -17.62 -17.80 2.30
C VAL A 56 -17.27 -16.35 2.55
N HIS A 57 -16.88 -15.63 1.51
CA HIS A 57 -16.48 -14.24 1.68
C HIS A 57 -16.96 -13.40 0.50
N ALA A 58 -17.16 -12.12 0.79
CA ALA A 58 -17.46 -11.12 -0.22
C ALA A 58 -16.17 -10.38 -0.54
N SER A 59 -15.77 -10.36 -1.81
CA SER A 59 -14.53 -9.72 -2.21
C SER A 59 -14.78 -8.83 -3.43
N TYR A 60 -14.37 -7.56 -3.35
CA TYR A 60 -14.60 -6.61 -4.42
C TYR A 60 -13.27 -5.97 -4.84
N LEU A 61 -13.01 -5.98 -6.14
CA LEU A 61 -11.75 -5.47 -6.66
C LEU A 61 -11.97 -4.11 -7.32
N LEU A 62 -11.18 -3.11 -6.88
CA LEU A 62 -11.09 -1.79 -7.49
C LEU A 62 -9.77 -1.67 -8.26
N THR A 63 -9.80 -0.98 -9.40
CA THR A 63 -8.58 -0.77 -10.17
C THR A 63 -8.45 0.68 -10.62
N SER A 64 -7.21 1.15 -10.64
CA SER A 64 -6.87 2.41 -11.31
C SER A 64 -5.51 2.20 -11.97
N GLY A 65 -5.50 2.16 -13.30
CA GLY A 65 -4.26 1.82 -13.99
C GLY A 65 -3.85 0.41 -13.61
N ASP A 66 -2.62 0.26 -13.11
CA ASP A 66 -2.15 -1.04 -12.63
C ASP A 66 -2.41 -1.25 -11.15
N LEU A 67 -2.98 -0.26 -10.47
CA LEU A 67 -3.22 -0.38 -9.03
C LEU A 67 -4.46 -1.24 -8.81
N ARG A 68 -4.33 -2.22 -7.93
CA ARG A 68 -5.43 -3.14 -7.60
C ARG A 68 -5.63 -3.16 -6.10
N PHE A 69 -6.80 -2.72 -5.66
CA PHE A 69 -7.21 -2.77 -4.26
C PHE A 69 -8.33 -3.80 -4.12
N LEU A 70 -8.13 -4.79 -3.24
CA LEU A 70 -9.13 -5.82 -2.98
C LEU A 70 -9.72 -5.63 -1.58
N PHE A 71 -11.04 -5.68 -1.47
CA PHE A 71 -11.74 -5.52 -0.19
C PHE A 71 -12.53 -6.77 0.08
N THR A 72 -12.26 -7.42 1.22
CA THR A 72 -12.84 -8.71 1.55
C THR A 72 -13.42 -8.70 2.97
N ALA A 73 -14.56 -9.34 3.14
CA ALA A 73 -15.24 -9.49 4.42
C ALA A 73 -15.88 -10.87 4.47
N PRO A 74 -16.02 -11.44 5.66
CA PRO A 74 -16.64 -12.77 5.78
C PRO A 74 -18.15 -12.71 5.82
N TYR A 75 -18.79 -13.72 5.23
CA TYR A 75 -20.21 -13.96 5.48
C TYR A 75 -20.38 -14.73 6.79
N SER A 76 -21.62 -14.98 7.17
CA SER A 76 -21.88 -15.88 8.30
C SER A 76 -21.23 -17.23 8.03
N PRO A 77 -20.48 -17.81 8.97
CA PRO A 77 -19.97 -19.17 8.75
C PRO A 77 -21.05 -20.19 8.50
N SER A 78 -22.29 -19.91 8.91
CA SER A 78 -23.38 -20.86 8.71
C SER A 78 -23.64 -21.12 7.22
N LEU A 79 -23.38 -20.13 6.35
CA LEU A 79 -23.65 -20.32 4.93
C LEU A 79 -22.79 -21.43 4.32
N SER A 80 -21.61 -21.66 4.90
CA SER A 80 -20.66 -22.62 4.35
C SER A 80 -20.35 -23.75 5.33
N ALA A 81 -21.25 -23.97 6.30
CA ALA A 81 -20.95 -24.92 7.38
C ALA A 81 -20.74 -26.34 6.84
N GLY A 82 -21.36 -26.68 5.72
CA GLY A 82 -21.20 -28.00 5.16
C GLY A 82 -19.92 -28.21 4.37
N GLU A 83 -19.20 -27.13 4.07
CA GLU A 83 -18.02 -27.21 3.23
C GLU A 83 -16.80 -27.68 4.03
N ILE A 84 -15.85 -28.27 3.30
CA ILE A 84 -14.50 -28.50 3.78
C ILE A 84 -13.58 -27.87 2.75
N LYS A 85 -12.30 -27.73 3.10
CA LYS A 85 -11.37 -27.10 2.16
C LYS A 85 -11.44 -27.72 0.77
N PRO A 86 -11.41 -29.05 0.61
CA PRO A 86 -11.56 -29.63 -0.73
C PRO A 86 -12.82 -29.20 -1.49
N THR A 87 -13.90 -28.85 -0.80
CA THR A 87 -15.17 -28.49 -1.45
C THR A 87 -15.50 -27.00 -1.29
N THR A 88 -14.51 -26.15 -0.98
CA THR A 88 -14.81 -24.76 -0.63
C THR A 88 -15.34 -23.97 -1.83
N THR A 89 -16.24 -23.03 -1.57
CA THR A 89 -16.67 -22.07 -2.58
C THR A 89 -15.92 -20.74 -2.48
N ALA A 90 -15.01 -20.61 -1.52
CA ALA A 90 -14.15 -19.43 -1.46
C ALA A 90 -13.31 -19.33 -2.72
N SER A 91 -13.15 -18.11 -3.22
CA SER A 91 -12.27 -17.89 -4.35
C SER A 91 -10.84 -17.61 -3.92
N ILE A 92 -10.64 -17.24 -2.67
CA ILE A 92 -9.31 -17.03 -2.13
C ILE A 92 -9.09 -18.11 -1.08
N PRO A 93 -8.43 -19.23 -1.44
CA PRO A 93 -8.39 -20.39 -0.53
C PRO A 93 -7.73 -20.12 0.80
N SER A 94 -6.87 -19.09 0.89
CA SER A 94 -6.24 -18.78 2.16
C SER A 94 -7.20 -18.14 3.16
N PHE A 95 -8.37 -17.67 2.71
CA PHE A 95 -9.28 -16.99 3.62
C PHE A 95 -9.78 -17.91 4.74
N ASP A 96 -9.89 -17.36 5.95
CA ASP A 96 -10.42 -18.08 7.10
C ASP A 96 -11.32 -17.15 7.91
N HIS A 97 -12.56 -17.57 8.18
CA HIS A 97 -13.50 -16.72 8.92
C HIS A 97 -12.90 -16.26 10.23
N GLY A 98 -12.38 -17.21 11.01
CA GLY A 98 -11.81 -16.87 12.31
C GLY A 98 -10.64 -15.90 12.22
N SER A 99 -9.72 -16.15 11.28
CA SER A 99 -8.58 -15.24 11.10
C SER A 99 -9.07 -13.84 10.74
N CYS A 100 -10.04 -13.76 9.82
CA CYS A 100 -10.48 -12.45 9.37
C CYS A 100 -11.19 -11.69 10.49
N ARG A 101 -12.04 -12.36 11.24
CA ARG A 101 -12.72 -11.69 12.34
C ARG A 101 -11.74 -11.28 13.42
N SER A 102 -10.76 -12.12 13.71
CA SER A 102 -9.74 -11.80 14.71
C SER A 102 -8.88 -10.63 14.25
N PHE A 103 -8.46 -10.63 12.98
CA PHE A 103 -7.72 -9.50 12.43
C PHE A 103 -8.49 -8.21 12.61
N PHE A 104 -9.75 -8.18 12.17
CA PHE A 104 -10.48 -6.92 12.16
C PHE A 104 -10.85 -6.47 13.57
N SER A 105 -11.14 -7.43 14.46
CA SER A 105 -11.40 -7.03 15.84
C SER A 105 -10.16 -6.48 16.50
N SER A 106 -8.99 -7.02 16.16
CA SER A 106 -7.73 -6.59 16.76
C SER A 106 -7.21 -5.29 16.17
N HIS A 107 -7.27 -5.14 14.84
CA HIS A 107 -6.63 -4.03 14.16
C HIS A 107 -7.59 -3.00 13.59
N GLY A 108 -8.88 -3.32 13.46
CA GLY A 108 -9.77 -2.52 12.66
C GLY A 108 -9.39 -2.66 11.18
N LEU A 109 -9.92 -1.73 10.39
CA LEU A 109 -9.70 -1.76 8.94
C LEU A 109 -8.24 -1.57 8.59
N GLY A 110 -7.70 -2.48 7.79
CA GLY A 110 -6.30 -2.38 7.44
C GLY A 110 -5.94 -3.40 6.39
N VAL A 111 -4.66 -3.38 6.04
CA VAL A 111 -4.14 -4.23 4.97
C VAL A 111 -3.79 -5.59 5.56
N ARG A 112 -4.36 -6.63 4.99
CA ARG A 112 -4.01 -8.00 5.36
C ARG A 112 -2.89 -8.55 4.48
N ALA A 113 -2.93 -8.25 3.19
CA ALA A 113 -1.97 -8.83 2.25
C ALA A 113 -1.38 -7.79 1.34
N VAL A 114 -0.06 -7.82 1.23
CA VAL A 114 0.72 -7.12 0.21
C VAL A 114 1.11 -8.19 -0.80
N ALA A 115 0.53 -8.13 -1.99
CA ALA A 115 0.71 -9.20 -2.98
C ALA A 115 1.66 -8.75 -4.07
N ILE A 116 2.61 -9.62 -4.40
CA ILE A 116 3.56 -9.36 -5.47
C ILE A 116 3.47 -10.48 -6.50
N GLU A 117 3.61 -10.12 -7.78
CA GLU A 117 3.63 -11.14 -8.81
C GLU A 117 5.04 -11.69 -8.92
N VAL A 118 5.14 -13.02 -8.97
CA VAL A 118 6.41 -13.71 -9.07
C VAL A 118 6.33 -14.68 -10.25
N GLU A 119 7.47 -15.25 -10.61
CA GLU A 119 7.44 -16.17 -11.75
C GLU A 119 6.76 -17.49 -11.38
N ASP A 120 6.99 -17.97 -10.17
CA ASP A 120 6.50 -19.28 -9.72
C ASP A 120 6.22 -19.15 -8.22
N ALA A 121 4.94 -19.05 -7.86
CA ALA A 121 4.59 -18.82 -6.45
C ALA A 121 4.95 -20.03 -5.59
N GLU A 122 4.83 -21.23 -6.14
CA GLU A 122 5.21 -22.42 -5.38
C GLU A 122 6.71 -22.41 -5.07
N SER A 123 7.53 -22.04 -6.05
CA SER A 123 8.97 -21.95 -5.80
C SER A 123 9.30 -20.80 -4.85
N ALA A 124 8.67 -19.63 -5.05
CA ALA A 124 8.95 -18.51 -4.15
C ALA A 124 8.61 -18.86 -2.71
N PHE A 125 7.50 -19.60 -2.51
CA PHE A 125 7.12 -20.01 -1.16
C PHE A 125 8.15 -20.96 -0.57
N SER A 126 8.55 -21.96 -1.34
CA SER A 126 9.52 -22.94 -0.87
C SER A 126 10.84 -22.28 -0.48
N ILE A 127 11.38 -21.46 -1.39
CA ILE A 127 12.65 -20.79 -1.13
C ILE A 127 12.52 -19.85 0.06
N SER A 128 11.40 -19.10 0.16
CA SER A 128 11.22 -18.20 1.28
C SER A 128 11.24 -18.96 2.60
N VAL A 129 10.46 -20.04 2.69
CA VAL A 129 10.38 -20.79 3.93
C VAL A 129 11.70 -21.47 4.23
N ALA A 130 12.39 -21.97 3.20
CA ALA A 130 13.73 -22.53 3.42
C ALA A 130 14.68 -21.47 3.97
N ASN A 131 14.37 -20.19 3.78
CA ASN A 131 15.25 -19.11 4.20
C ASN A 131 14.68 -18.29 5.36
N GLY A 132 13.81 -18.88 6.18
CA GLY A 132 13.37 -18.27 7.42
C GLY A 132 11.96 -17.75 7.44
N ALA A 133 11.27 -17.68 6.30
CA ALA A 133 9.92 -17.14 6.29
C ALA A 133 8.97 -18.04 7.08
N ILE A 134 8.09 -17.40 7.85
CA ILE A 134 7.05 -18.13 8.60
C ILE A 134 5.88 -18.37 7.66
N PRO A 135 5.55 -19.62 7.36
CA PRO A 135 4.48 -19.88 6.39
C PRO A 135 3.13 -19.44 6.94
N SER A 136 2.29 -18.95 6.02
CA SER A 136 0.92 -18.56 6.37
C SER A 136 -0.12 -19.35 5.61
N SER A 137 0.06 -19.53 4.29
CA SER A 137 -0.84 -20.34 3.51
C SER A 137 -0.01 -21.02 2.43
N PRO A 138 -0.10 -22.35 2.31
CA PRO A 138 0.74 -23.07 1.34
C PRO A 138 0.28 -22.82 -0.07
N PRO A 139 1.13 -23.09 -1.07
CA PRO A 139 0.74 -22.80 -2.45
C PRO A 139 -0.51 -23.59 -2.82
N ILE A 140 -1.42 -22.93 -3.52
CA ILE A 140 -2.63 -23.55 -4.00
C ILE A 140 -2.79 -23.14 -5.45
N VAL A 141 -3.04 -24.12 -6.32
CA VAL A 141 -3.23 -23.84 -7.74
C VAL A 141 -4.71 -23.66 -8.00
N LEU A 142 -5.07 -22.52 -8.59
CA LEU A 142 -6.46 -22.17 -8.84
C LEU A 142 -6.78 -22.41 -10.31
N ASN A 143 -7.72 -23.32 -10.55
CA ASN A 143 -8.20 -23.62 -11.90
C ASN A 143 -7.06 -23.91 -12.88
N GLU A 144 -6.00 -24.53 -12.37
CA GLU A 144 -4.82 -24.86 -13.19
C GLU A 144 -4.25 -23.64 -13.91
N ALA A 145 -4.42 -22.45 -13.31
CA ALA A 145 -4.13 -21.23 -14.04
C ALA A 145 -3.31 -20.24 -13.21
N VAL A 146 -3.59 -20.14 -11.92
CA VAL A 146 -2.92 -19.20 -11.05
C VAL A 146 -2.49 -19.93 -9.79
N THR A 147 -1.31 -19.59 -9.27
CA THR A 147 -0.85 -20.12 -8.00
C THR A 147 -0.71 -18.99 -7.00
N ILE A 148 -1.22 -19.21 -5.78
CA ILE A 148 -1.15 -18.26 -4.67
C ILE A 148 -0.51 -18.94 -3.48
N ALA A 149 0.36 -18.21 -2.77
CA ALA A 149 0.93 -18.66 -1.51
C ALA A 149 1.20 -17.43 -0.64
N GLU A 150 1.30 -17.65 0.67
CA GLU A 150 1.46 -16.54 1.61
C GLU A 150 2.45 -16.87 2.72
N VAL A 151 3.27 -15.88 3.08
CA VAL A 151 4.15 -15.97 4.24
C VAL A 151 3.95 -14.72 5.09
N LYS A 152 4.33 -14.82 6.36
CA LYS A 152 4.19 -13.69 7.25
C LYS A 152 5.22 -12.60 6.94
N LEU A 153 4.76 -11.34 6.92
CA LEU A 153 5.63 -10.20 6.66
C LEU A 153 5.97 -9.47 7.95
N TYR A 154 4.96 -8.90 8.63
CA TYR A 154 5.10 -8.34 9.97
C TYR A 154 3.69 -8.26 10.57
N GLY A 155 3.63 -8.36 11.90
CA GLY A 155 2.32 -8.34 12.55
C GLY A 155 1.41 -9.43 12.00
N ASP A 156 0.17 -9.07 11.66
CA ASP A 156 -0.74 -9.97 10.96
C ASP A 156 -0.82 -9.68 9.47
N VAL A 157 0.17 -9.00 8.91
CA VAL A 157 0.24 -8.73 7.48
C VAL A 157 1.01 -9.86 6.82
N VAL A 158 0.52 -10.33 5.67
CA VAL A 158 1.20 -11.39 4.93
C VAL A 158 1.73 -10.84 3.62
N LEU A 159 2.84 -11.43 3.15
CA LEU A 159 3.31 -11.21 1.80
C LEU A 159 2.75 -12.33 0.93
N ARG A 160 1.96 -11.96 -0.07
CA ARG A 160 1.29 -12.92 -0.92
C ARG A 160 2.01 -13.02 -2.26
N TYR A 161 2.40 -14.23 -2.64
CA TYR A 161 2.96 -14.49 -3.95
C TYR A 161 1.87 -14.95 -4.91
N VAL A 162 1.85 -14.36 -6.11
CA VAL A 162 0.93 -14.73 -7.17
C VAL A 162 1.73 -15.00 -8.44
N SER A 163 1.47 -16.13 -9.10
CA SER A 163 2.10 -16.43 -10.37
C SER A 163 1.06 -16.94 -11.35
N TYR A 164 1.18 -16.53 -12.61
CA TYR A 164 0.26 -16.90 -13.68
C TYR A 164 0.96 -17.79 -14.69
N LYS A 165 0.29 -18.86 -15.10
CA LYS A 165 0.82 -19.67 -16.20
C LYS A 165 0.89 -18.87 -17.49
N ALA A 166 -0.23 -18.24 -17.86
CA ALA A 166 -0.26 -17.39 -19.06
C ALA A 166 0.14 -15.96 -18.74
N GLU A 173 -8.31 -12.04 -16.43
CA GLU A 173 -9.09 -11.85 -15.22
C GLU A 173 -8.22 -11.90 -13.96
N PHE A 174 -8.71 -11.31 -12.88
CA PHE A 174 -7.97 -11.18 -11.63
C PHE A 174 -7.56 -12.54 -11.09
N LEU A 175 -8.54 -13.32 -10.64
CA LEU A 175 -8.34 -14.66 -10.13
C LEU A 175 -9.50 -15.52 -10.60
N PRO A 176 -9.30 -16.82 -10.75
CA PRO A 176 -10.42 -17.71 -11.07
C PRO A 176 -11.50 -17.63 -10.00
N GLY A 177 -12.75 -17.64 -10.45
CA GLY A 177 -13.86 -17.48 -9.55
C GLY A 177 -14.32 -16.06 -9.38
N PHE A 178 -13.48 -15.08 -9.73
CA PHE A 178 -13.92 -13.69 -9.80
C PHE A 178 -14.59 -13.44 -11.14
N GLU A 179 -15.67 -12.66 -11.11
CA GLU A 179 -16.37 -12.27 -12.33
C GLU A 179 -16.14 -10.79 -12.60
N ARG A 180 -15.97 -10.44 -13.88
CA ARG A 180 -15.89 -9.04 -14.27
C ARG A 180 -17.21 -8.35 -13.95
N VAL A 181 -17.13 -7.08 -13.58
CA VAL A 181 -18.30 -6.36 -13.08
C VAL A 181 -19.02 -5.71 -14.25
N GLU A 182 -20.35 -5.88 -14.28
CA GLU A 182 -21.18 -5.38 -15.37
C GLU A 182 -21.01 -3.86 -15.53
N ASP A 183 -20.84 -3.43 -16.79
CA ASP A 183 -20.48 -2.04 -17.07
C ASP A 183 -21.44 -1.04 -16.46
N ALA A 184 -22.70 -1.43 -16.25
CA ALA A 184 -23.65 -0.53 -15.62
C ALA A 184 -23.24 -0.21 -14.18
N SER A 185 -22.85 -1.23 -13.43
CA SER A 185 -22.32 -1.04 -12.08
C SER A 185 -20.89 -0.52 -12.08
N SER A 186 -20.23 -0.45 -13.24
CA SER A 186 -18.83 -0.06 -13.35
C SER A 186 -18.76 1.30 -14.03
N PHE A 187 -18.62 2.35 -13.24
CA PHE A 187 -18.48 3.73 -13.71
C PHE A 187 -17.00 4.06 -13.88
N PRO A 188 -16.57 4.66 -15.06
CA PRO A 188 -15.13 4.75 -15.37
C PRO A 188 -14.42 5.92 -14.68
N LEU A 189 -14.48 5.93 -13.35
CA LEU A 189 -13.75 6.96 -12.59
C LEU A 189 -12.25 6.81 -12.81
N ASP A 190 -11.55 7.94 -12.82
CA ASP A 190 -10.10 7.94 -12.93
C ASP A 190 -9.61 9.34 -12.56
N TYR A 191 -8.88 9.45 -11.45
CA TYR A 191 -8.29 10.73 -11.04
C TYR A 191 -6.80 10.76 -11.31
N GLY A 192 -6.26 9.77 -12.03
CA GLY A 192 -4.85 9.79 -12.42
C GLY A 192 -3.96 8.80 -11.69
N ILE A 193 -4.45 8.04 -10.72
CA ILE A 193 -3.58 7.09 -10.03
C ILE A 193 -3.30 5.89 -10.91
N ARG A 194 -2.06 5.41 -10.89
CA ARG A 194 -1.62 4.41 -11.87
C ARG A 194 -0.94 3.18 -11.27
N ARG A 195 -0.26 3.28 -10.13
CA ARG A 195 0.35 2.07 -9.59
C ARG A 195 0.73 2.28 -8.13
N LEU A 196 0.98 1.17 -7.44
CA LEU A 196 1.54 1.21 -6.08
C LEU A 196 3.04 1.45 -6.16
N ASP A 197 3.50 2.50 -5.49
CA ASP A 197 4.94 2.79 -5.50
C ASP A 197 5.66 2.08 -4.35
N HIS A 198 5.14 2.17 -3.13
CA HIS A 198 5.74 1.45 -2.02
C HIS A 198 4.68 1.25 -0.94
N ALA A 199 4.99 0.32 -0.03
CA ALA A 199 4.10 -0.04 1.06
C ALA A 199 4.93 -0.14 2.33
N VAL A 200 4.52 0.57 3.37
CA VAL A 200 5.34 0.84 4.54
C VAL A 200 4.76 0.14 5.77
N GLY A 201 5.61 -0.57 6.50
CA GLY A 201 5.21 -1.22 7.74
C GLY A 201 5.76 -0.50 8.96
N ASN A 202 5.01 -0.55 10.06
CA ASN A 202 5.48 -0.10 11.37
C ASN A 202 5.68 -1.32 12.26
N VAL A 203 6.84 -1.39 12.93
CA VAL A 203 7.15 -2.51 13.81
C VAL A 203 7.74 -1.95 15.11
N PRO A 204 7.70 -2.74 16.19
CA PRO A 204 8.36 -2.30 17.43
C PRO A 204 9.88 -2.27 17.32
N GLU A 205 10.49 -3.20 16.57
CA GLU A 205 11.95 -3.31 16.47
C GLU A 205 12.37 -3.44 15.01
N LEU A 206 13.06 -2.42 14.50
CA LEU A 206 13.43 -2.39 13.08
C LEU A 206 14.46 -3.47 12.74
N GLY A 207 15.46 -3.67 13.59
CA GLY A 207 16.56 -4.57 13.28
C GLY A 207 16.12 -5.98 12.97
N PRO A 208 15.41 -6.61 13.91
CA PRO A 208 14.89 -7.97 13.65
C PRO A 208 13.92 -8.05 12.48
N ALA A 209 13.08 -7.03 12.28
CA ALA A 209 12.18 -7.03 11.14
C ALA A 209 12.94 -7.06 9.82
N LEU A 210 13.95 -6.19 9.69
CA LEU A 210 14.76 -6.17 8.46
C LEU A 210 15.45 -7.50 8.24
N THR A 211 16.08 -8.03 9.28
CA THR A 211 16.80 -9.30 9.17
C THR A 211 15.87 -10.42 8.71
N TYR A 212 14.66 -10.48 9.26
CA TYR A 212 13.70 -11.49 8.86
C TYR A 212 13.34 -11.37 7.38
N VAL A 213 12.86 -10.20 6.95
CA VAL A 213 12.33 -10.07 5.59
C VAL A 213 13.46 -10.15 4.56
N ALA A 214 14.54 -9.39 4.77
CA ALA A 214 15.66 -9.50 3.84
C ALA A 214 16.23 -10.91 3.85
N GLY A 215 16.15 -11.58 5.00
CA GLY A 215 16.58 -12.96 5.11
C GLY A 215 15.91 -13.87 4.11
N PHE A 216 14.57 -13.81 4.01
CA PHE A 216 13.86 -14.77 3.17
C PHE A 216 13.60 -14.28 1.75
N THR A 217 13.73 -12.98 1.46
CA THR A 217 13.52 -12.49 0.10
C THR A 217 14.81 -12.31 -0.67
N GLY A 218 15.90 -11.97 0.02
CA GLY A 218 17.07 -11.46 -0.66
C GLY A 218 16.95 -10.02 -1.12
N PHE A 219 15.92 -9.30 -0.68
CA PHE A 219 15.83 -7.88 -0.99
C PHE A 219 16.97 -7.15 -0.32
N HIS A 220 17.50 -6.13 -1.00
CA HIS A 220 18.64 -5.38 -0.49
C HIS A 220 18.19 -4.06 0.12
N GLN A 221 19.06 -3.47 0.93
CA GLN A 221 18.77 -2.19 1.52
C GLN A 221 18.91 -1.10 0.48
N PHE A 222 17.87 -0.28 0.36
CA PHE A 222 17.80 0.81 -0.63
C PHE A 222 18.13 2.12 0.07
N SER A 235 12.88 11.89 12.99
CA SER A 235 12.31 12.42 14.22
C SER A 235 11.10 11.59 14.66
N GLY A 236 11.26 10.90 15.78
CA GLY A 236 10.28 9.95 16.25
C GLY A 236 10.42 8.56 15.67
N LEU A 237 11.34 8.35 14.73
CA LEU A 237 11.40 7.07 14.03
C LEU A 237 12.81 6.81 13.53
N ASN A 238 13.11 5.52 13.33
CA ASN A 238 14.17 5.05 12.46
C ASN A 238 13.56 4.22 11.36
N SER A 239 14.24 4.19 10.21
CA SER A 239 13.61 3.60 9.03
C SER A 239 14.65 3.02 8.11
N ALA A 240 14.22 2.07 7.29
CA ALA A 240 15.04 1.49 6.24
C ALA A 240 14.12 0.90 5.19
N VAL A 241 14.64 0.77 3.97
CA VAL A 241 13.85 0.35 2.82
C VAL A 241 14.48 -0.89 2.22
N LEU A 242 13.66 -1.94 2.03
CA LEU A 242 14.06 -3.13 1.30
C LEU A 242 13.54 -3.07 -0.13
N ALA A 243 14.36 -3.53 -1.08
CA ALA A 243 14.01 -3.41 -2.49
C ALA A 243 14.35 -4.69 -3.25
N SER A 244 13.55 -4.96 -4.29
CA SER A 244 13.81 -6.06 -5.19
C SER A 244 14.93 -5.69 -6.17
N ASN A 245 15.27 -6.63 -7.05
CA ASN A 245 16.44 -6.46 -7.92
C ASN A 245 16.34 -5.21 -8.78
N ASP A 246 15.22 -5.00 -9.48
CA ASP A 246 15.06 -3.78 -10.26
C ASP A 246 14.52 -2.63 -9.41
N GLU A 247 14.32 -2.84 -8.11
CA GLU A 247 13.89 -1.82 -7.16
C GLU A 247 12.53 -1.23 -7.52
N MET A 248 11.66 -2.06 -8.08
CA MET A 248 10.26 -1.72 -8.34
C MET A 248 9.32 -2.21 -7.24
N VAL A 249 9.72 -3.20 -6.46
CA VAL A 249 9.03 -3.56 -5.24
C VAL A 249 9.82 -2.96 -4.09
N LEU A 250 9.19 -2.02 -3.37
CA LEU A 250 9.86 -1.25 -2.33
C LEU A 250 9.05 -1.37 -1.05
N LEU A 251 9.73 -1.80 0.02
CA LEU A 251 9.09 -2.09 1.31
C LEU A 251 9.85 -1.38 2.42
N PRO A 252 9.54 -0.11 2.67
CA PRO A 252 10.12 0.56 3.85
C PRO A 252 9.52 0.03 5.15
N ILE A 253 10.31 0.11 6.22
CA ILE A 253 9.89 -0.32 7.56
C ILE A 253 10.33 0.72 8.58
N ASN A 254 9.43 1.09 9.48
CA ASN A 254 9.67 2.08 10.52
C ASN A 254 9.67 1.43 11.90
N GLU A 255 10.45 2.01 12.81
CA GLU A 255 10.37 1.69 14.23
C GLU A 255 10.30 3.00 15.01
N PRO A 256 9.71 3.01 16.20
CA PRO A 256 9.63 4.25 16.97
C PRO A 256 10.98 4.61 17.59
N VAL A 257 11.11 5.90 17.93
CA VAL A 257 12.19 6.39 18.78
C VAL A 257 11.54 6.98 20.03
N HIS A 258 11.90 6.43 21.19
CA HIS A 258 11.23 6.78 22.43
C HIS A 258 11.94 7.92 23.16
N GLY A 259 11.19 8.62 24.00
CA GLY A 259 11.72 9.64 24.86
C GLY A 259 11.57 11.07 24.38
N THR A 260 11.27 11.27 23.09
CA THR A 260 11.18 12.62 22.54
C THR A 260 10.04 13.40 23.18
N LYS A 261 10.12 14.73 23.07
CA LYS A 261 9.10 15.62 23.58
C LYS A 261 7.74 15.27 22.99
N ARG A 262 7.59 15.47 21.68
CA ARG A 262 6.41 15.01 20.98
C ARG A 262 6.44 13.48 20.88
N LYS A 263 5.34 12.83 21.25
CA LYS A 263 5.30 11.37 21.24
C LYS A 263 5.40 10.85 19.81
N SER A 264 6.14 9.75 19.65
CA SER A 264 6.37 9.18 18.33
C SER A 264 5.08 8.70 17.70
N GLN A 265 4.81 9.17 16.48
CA GLN A 265 3.63 8.71 15.77
C GLN A 265 3.72 7.22 15.42
N ILE A 266 4.93 6.66 15.30
CA ILE A 266 5.06 5.22 15.13
C ILE A 266 4.54 4.49 16.36
N GLN A 267 4.86 5.00 17.55
CA GLN A 267 4.37 4.39 18.77
C GLN A 267 2.86 4.52 18.88
N THR A 268 2.32 5.68 18.51
CA THR A 268 0.87 5.84 18.52
C THR A 268 0.21 4.80 17.62
N TYR A 269 0.77 4.58 16.43
CA TYR A 269 0.27 3.54 15.53
C TYR A 269 0.23 2.19 16.25
N LEU A 270 1.34 1.77 16.85
CA LEU A 270 1.41 0.44 17.44
C LEU A 270 0.38 0.28 18.56
N GLU A 271 0.13 1.33 19.33
CA GLU A 271 -0.87 1.25 20.38
C GLU A 271 -2.29 1.10 19.81
N HIS A 272 -2.65 1.95 18.84
CA HIS A 272 -4.01 1.92 18.31
C HIS A 272 -4.25 0.74 17.38
N ASN A 273 -3.19 0.23 16.74
CA ASN A 273 -3.31 -0.94 15.87
C ASN A 273 -3.18 -2.26 16.61
N GLU A 274 -2.89 -2.22 17.91
CA GLU A 274 -2.53 -3.43 18.67
C GLU A 274 -1.36 -4.16 18.02
N GLY A 275 -0.30 -3.43 17.72
CA GLY A 275 0.95 -4.03 17.29
C GLY A 275 1.32 -3.66 15.86
N ALA A 276 2.31 -4.39 15.34
CA ALA A 276 2.85 -4.09 14.02
C ALA A 276 1.79 -4.23 12.93
N GLY A 277 1.98 -3.48 11.85
CA GLY A 277 1.09 -3.56 10.70
C GLY A 277 1.50 -2.59 9.62
N LEU A 278 0.69 -2.54 8.58
CA LEU A 278 0.99 -1.65 7.47
C LEU A 278 0.58 -0.22 7.82
N GLN A 279 1.52 0.72 7.66
CA GLN A 279 1.30 2.12 8.02
C GLN A 279 0.71 2.92 6.86
N HIS A 280 1.34 2.89 5.69
CA HIS A 280 0.78 3.65 4.58
C HIS A 280 1.10 3.00 3.25
N LEU A 281 0.24 3.31 2.28
CA LEU A 281 0.39 2.91 0.89
C LEU A 281 0.69 4.15 0.07
N ALA A 282 1.74 4.10 -0.74
CA ALA A 282 2.08 5.23 -1.61
C ALA A 282 1.65 4.91 -3.03
N LEU A 283 0.76 5.72 -3.57
CA LEU A 283 0.14 5.52 -4.88
C LEU A 283 0.71 6.53 -5.86
N MET A 284 1.32 6.03 -6.93
CA MET A 284 1.88 6.90 -7.94
C MET A 284 0.80 7.45 -8.84
N SER A 285 0.84 8.75 -9.08
CA SER A 285 -0.06 9.42 -10.01
C SER A 285 0.73 9.82 -11.25
N GLU A 286 0.09 9.73 -12.41
CA GLU A 286 0.67 10.28 -13.63
C GLU A 286 0.44 11.78 -13.77
N ASP A 287 -0.27 12.40 -12.82
CA ASP A 287 -0.52 13.84 -12.86
C ASP A 287 -1.02 14.21 -11.46
N ILE A 288 -0.08 14.48 -10.55
CA ILE A 288 -0.45 14.61 -9.15
C ILE A 288 -1.31 15.84 -8.93
N PHE A 289 -1.17 16.87 -9.77
CA PHE A 289 -2.01 18.04 -9.62
C PHE A 289 -3.47 17.69 -9.89
N ARG A 290 -3.72 16.95 -10.97
CA ARG A 290 -5.10 16.56 -11.26
C ARG A 290 -5.64 15.61 -10.18
N THR A 291 -4.83 14.64 -9.74
CA THR A 291 -5.28 13.73 -8.70
C THR A 291 -5.70 14.49 -7.45
N LEU A 292 -4.87 15.44 -7.01
CA LEU A 292 -5.19 16.16 -5.78
C LEU A 292 -6.35 17.12 -5.96
N ARG A 293 -6.51 17.73 -7.15
CA ARG A 293 -7.71 18.52 -7.38
C ARG A 293 -8.95 17.65 -7.22
N GLU A 294 -8.95 16.47 -7.85
CA GLU A 294 -10.12 15.62 -7.83
C GLU A 294 -10.38 15.07 -6.43
N MET A 295 -9.33 14.62 -5.74
CA MET A 295 -9.52 14.09 -4.38
C MET A 295 -9.97 15.17 -3.41
N ARG A 296 -9.41 16.39 -3.53
CA ARG A 296 -9.79 17.43 -2.57
C ARG A 296 -11.21 17.91 -2.80
N LYS A 297 -11.70 17.83 -4.04
CA LYS A 297 -13.10 18.17 -4.31
C LYS A 297 -14.05 17.27 -3.56
N ARG A 298 -13.64 16.04 -3.26
CA ARG A 298 -14.51 15.03 -2.68
C ARG A 298 -14.27 14.79 -1.20
N SER A 299 -13.31 15.49 -0.59
CA SER A 299 -12.96 15.25 0.82
C SER A 299 -14.17 15.32 1.74
N SER A 300 -15.05 16.28 1.52
CA SER A 300 -16.18 16.50 2.41
C SER A 300 -17.47 15.87 1.92
N ILE A 301 -17.42 15.13 0.82
CA ILE A 301 -18.61 14.45 0.30
C ILE A 301 -18.30 12.99 0.07
N GLY A 302 -17.65 12.36 1.05
CA GLY A 302 -17.49 10.92 1.11
C GLY A 302 -16.09 10.44 0.82
N GLY A 303 -15.20 11.32 0.34
CA GLY A 303 -13.84 10.93 -0.01
C GLY A 303 -12.86 10.99 1.15
N PHE A 304 -11.63 11.41 0.89
CA PHE A 304 -10.56 11.38 1.87
C PHE A 304 -10.10 12.80 2.20
N ASP A 305 -9.76 13.01 3.47
CA ASP A 305 -9.18 14.25 3.97
C ASP A 305 -7.66 14.21 3.89
N PHE A 306 -7.04 15.39 3.85
CA PHE A 306 -5.59 15.49 3.72
C PHE A 306 -4.99 16.16 4.95
N MET A 307 -3.74 15.80 5.25
CA MET A 307 -3.03 16.42 6.36
C MET A 307 -2.97 17.94 6.15
N PRO A 308 -2.78 18.71 7.22
CA PRO A 308 -2.72 20.16 7.06
C PRO A 308 -1.55 20.58 6.19
N SER A 309 -1.76 21.64 5.42
CA SER A 309 -0.77 22.07 4.45
C SER A 309 0.43 22.73 5.15
N PRO A 310 1.62 22.68 4.55
CA PRO A 310 2.76 23.42 5.10
C PRO A 310 2.53 24.91 5.00
N PRO A 311 3.20 25.71 5.83
CA PRO A 311 2.98 27.16 5.81
C PRO A 311 3.49 27.77 4.51
N PRO A 312 3.09 29.01 4.21
CA PRO A 312 3.56 29.65 2.96
C PRO A 312 5.07 29.79 2.89
N THR A 313 5.76 29.85 4.03
CA THR A 313 7.22 29.93 4.01
C THR A 313 7.84 28.69 3.38
N TYR A 314 7.24 27.52 3.59
CA TYR A 314 7.74 26.32 2.94
C TYR A 314 7.73 26.49 1.43
N TYR A 315 6.68 27.10 0.90
CA TYR A 315 6.60 27.23 -0.55
C TYR A 315 7.50 28.36 -1.06
N GLN A 316 7.75 29.40 -0.25
CA GLN A 316 8.75 30.37 -0.62
C GLN A 316 10.13 29.73 -0.73
N ASN A 317 10.46 28.83 0.20
CA ASN A 317 11.76 28.15 0.18
C ASN A 317 11.87 27.12 -0.94
N LEU A 318 10.77 26.79 -1.61
CA LEU A 318 10.84 25.82 -2.70
C LEU A 318 11.63 26.34 -3.89
N LYS A 319 11.59 27.66 -4.13
CA LYS A 319 12.33 28.23 -5.25
C LYS A 319 13.81 27.89 -5.16
N LYS A 320 14.41 28.03 -3.97
CA LYS A 320 15.83 27.74 -3.82
C LYS A 320 16.14 26.26 -3.99
N ARG A 321 15.23 25.37 -3.61
CA ARG A 321 15.55 23.96 -3.67
C ARG A 321 15.25 23.33 -5.03
N VAL A 322 14.12 23.67 -5.63
CA VAL A 322 13.65 22.94 -6.80
C VAL A 322 13.24 23.91 -7.91
N GLY A 323 13.59 25.19 -7.75
CA GLY A 323 13.27 26.20 -8.74
C GLY A 323 13.80 25.93 -10.13
N ASP A 324 14.66 24.92 -10.28
CA ASP A 324 15.16 24.48 -11.58
C ASP A 324 14.39 23.31 -12.16
N VAL A 325 13.44 22.75 -11.41
CA VAL A 325 12.63 21.64 -11.87
C VAL A 325 11.18 22.07 -12.10
N LEU A 326 10.65 22.91 -11.22
CA LEU A 326 9.28 23.39 -11.32
C LEU A 326 9.29 24.89 -11.61
N SER A 327 8.42 25.31 -12.51
CA SER A 327 8.22 26.74 -12.71
C SER A 327 7.58 27.35 -11.47
N ASP A 328 7.54 28.68 -11.43
CA ASP A 328 6.86 29.35 -10.34
C ASP A 328 5.35 29.12 -10.38
N ASP A 329 4.79 28.92 -11.58
CA ASP A 329 3.39 28.53 -11.68
C ASP A 329 3.17 27.14 -11.12
N GLN A 330 4.05 26.20 -11.49
CA GLN A 330 3.97 24.85 -10.95
C GLN A 330 4.19 24.83 -9.45
N ILE A 331 4.98 25.78 -8.92
CA ILE A 331 5.22 25.85 -7.49
C ILE A 331 4.00 26.40 -6.77
N LYS A 332 3.35 27.43 -7.33
CA LYS A 332 2.13 27.93 -6.70
C LYS A 332 1.00 26.89 -6.80
N GLU A 333 1.03 26.05 -7.82
CA GLU A 333 0.05 24.96 -7.91
C GLU A 333 0.29 23.92 -6.81
N CYS A 334 1.55 23.62 -6.51
CA CYS A 334 1.85 22.82 -5.32
C CYS A 334 1.29 23.48 -4.07
N GLU A 335 1.41 24.81 -3.96
CA GLU A 335 0.98 25.48 -2.75
C GLU A 335 -0.54 25.43 -2.58
N GLU A 336 -1.31 25.58 -3.67
CA GLU A 336 -2.75 25.59 -3.47
C GLU A 336 -3.27 24.19 -3.14
N LEU A 337 -2.54 23.16 -3.54
CA LEU A 337 -2.96 21.78 -3.27
C LEU A 337 -2.32 21.20 -2.02
N GLY A 338 -1.36 21.89 -1.42
CA GLY A 338 -0.69 21.41 -0.22
C GLY A 338 0.35 20.33 -0.45
N ILE A 339 0.90 20.24 -1.66
CA ILE A 339 1.85 19.21 -2.04
C ILE A 339 3.22 19.52 -1.44
N LEU A 340 3.92 18.47 -0.98
CA LEU A 340 5.31 18.56 -0.55
C LEU A 340 6.25 18.19 -1.69
N VAL A 341 7.47 18.73 -1.61
CA VAL A 341 8.49 18.50 -2.64
C VAL A 341 9.81 18.17 -1.95
N ASP A 342 10.45 17.12 -2.41
CA ASP A 342 11.79 16.79 -1.95
C ASP A 342 12.62 16.36 -3.14
N ARG A 343 13.93 16.25 -2.89
CA ARG A 343 14.87 16.02 -3.97
C ARG A 343 16.12 15.36 -3.40
N ASP A 344 16.61 14.32 -4.08
CA ASP A 344 17.93 13.78 -3.81
C ASP A 344 18.85 14.15 -4.97
N ASP A 345 19.93 13.40 -5.13
CA ASP A 345 20.88 13.66 -6.21
C ASP A 345 20.39 13.18 -7.56
N GLN A 346 19.40 12.29 -7.60
CA GLN A 346 18.97 11.66 -8.84
C GLN A 346 17.65 12.19 -9.38
N GLY A 347 16.73 12.59 -8.51
CA GLY A 347 15.42 13.02 -8.97
C GLY A 347 14.73 13.89 -7.95
N THR A 348 13.49 14.26 -8.27
CA THR A 348 12.64 15.07 -7.42
C THR A 348 11.35 14.31 -7.13
N LEU A 349 10.79 14.54 -5.94
CA LEU A 349 9.60 13.83 -5.48
C LEU A 349 8.53 14.83 -5.09
N LEU A 350 7.32 14.63 -5.62
CA LEU A 350 6.12 15.34 -5.20
C LEU A 350 5.25 14.37 -4.39
N GLN A 351 4.79 14.80 -3.22
CA GLN A 351 4.07 13.89 -2.32
C GLN A 351 3.08 14.65 -1.44
N ILE A 352 2.07 13.93 -0.97
CA ILE A 352 1.14 14.46 0.02
C ILE A 352 0.50 13.27 0.71
N PHE A 353 0.01 13.49 1.94
CA PHE A 353 -0.51 12.43 2.79
C PHE A 353 -1.94 12.69 3.18
N THR A 354 -2.76 11.64 3.13
CA THR A 354 -4.12 11.71 3.66
C THR A 354 -4.12 11.58 5.18
N LYS A 355 -5.22 12.03 5.78
CA LYS A 355 -5.55 11.64 7.14
C LYS A 355 -5.86 10.14 7.17
N PRO A 356 -5.94 9.52 8.35
CA PRO A 356 -6.19 8.08 8.42
C PRO A 356 -7.45 7.68 7.65
N LEU A 357 -7.40 6.48 7.05
CA LEU A 357 -8.46 6.02 6.17
C LEU A 357 -9.70 5.57 6.92
N GLY A 358 -9.55 5.23 8.20
CA GLY A 358 -10.66 4.69 8.97
C GLY A 358 -10.73 5.31 10.35
N ASP A 359 -11.42 4.61 11.29
CA ASP A 359 -11.64 5.17 12.63
C ASP A 359 -10.33 5.36 13.39
N ARG A 360 -9.37 4.47 13.20
CA ARG A 360 -8.20 4.50 14.07
C ARG A 360 -7.08 5.31 13.43
N PRO A 361 -6.20 5.96 14.25
CA PRO A 361 -5.07 6.73 13.69
C PRO A 361 -3.94 5.79 13.27
N THR A 362 -4.23 4.95 12.28
CA THR A 362 -3.32 3.87 11.89
C THR A 362 -2.96 4.05 10.42
N ILE A 363 -3.66 3.39 9.51
CA ILE A 363 -3.27 3.40 8.10
C ILE A 363 -3.71 4.69 7.42
N PHE A 364 -2.87 5.18 6.50
CA PHE A 364 -3.20 6.33 5.65
C PHE A 364 -2.59 6.09 4.27
N ILE A 365 -2.80 7.03 3.36
CA ILE A 365 -2.34 6.93 1.98
C ILE A 365 -1.45 8.12 1.65
N GLU A 366 -0.45 7.87 0.84
CA GLU A 366 0.40 8.89 0.25
C GLU A 366 0.15 8.91 -1.25
N ILE A 367 0.05 10.11 -1.82
CA ILE A 367 0.00 10.28 -3.27
C ILE A 367 1.36 10.84 -3.69
N ILE A 368 1.96 10.26 -4.72
CA ILE A 368 3.28 10.70 -5.13
C ILE A 368 3.41 10.75 -6.65
N GLN A 369 4.35 11.57 -7.09
CA GLN A 369 4.81 11.57 -8.46
C GLN A 369 6.29 11.89 -8.46
N ARG A 370 7.04 11.16 -9.28
CA ARG A 370 8.49 11.27 -9.32
C ARG A 370 8.93 11.83 -10.66
N VAL A 371 9.93 12.71 -10.63
CA VAL A 371 10.45 13.29 -11.87
C VAL A 371 11.96 13.10 -11.92
N GLY A 372 12.44 12.54 -13.02
CA GLY A 372 13.85 12.26 -13.20
C GLY A 372 14.17 10.80 -13.42
N CYS A 373 15.45 10.45 -13.29
CA CYS A 373 15.96 9.07 -13.40
C CYS A 373 15.34 8.33 -14.58
N MET A 374 15.40 8.96 -15.74
CA MET A 374 14.93 8.32 -16.97
C MET A 374 16.04 7.47 -17.56
N MET A 375 15.67 6.31 -18.09
CA MET A 375 16.61 5.38 -18.69
C MET A 375 16.04 4.90 -20.03
N TYR A 383 11.98 4.33 -19.52
CA TYR A 383 11.36 4.04 -18.23
C TYR A 383 12.01 4.85 -17.12
N GLN A 384 11.35 4.87 -15.96
CA GLN A 384 11.87 5.54 -14.77
C GLN A 384 12.39 4.49 -13.79
N SER A 385 13.56 4.75 -13.20
CA SER A 385 14.10 3.83 -12.22
C SER A 385 13.35 3.96 -10.90
N GLY A 386 13.26 2.86 -10.16
CA GLY A 386 12.49 2.84 -8.93
C GLY A 386 13.09 3.73 -7.85
N GLY A 387 12.20 4.33 -7.06
CA GLY A 387 12.63 5.15 -5.95
C GLY A 387 13.25 6.47 -6.32
N CYS A 388 13.04 6.94 -7.56
CA CYS A 388 13.63 8.19 -8.02
C CYS A 388 13.20 9.36 -7.15
N GLY A 389 14.17 9.98 -6.49
CA GLY A 389 13.90 11.08 -5.58
C GLY A 389 13.81 10.69 -4.13
N GLY A 390 13.88 9.39 -3.82
CA GLY A 390 13.83 8.97 -2.44
C GLY A 390 12.40 8.87 -1.92
N PHE A 391 12.24 9.16 -0.63
CA PHE A 391 10.96 8.98 0.03
C PHE A 391 10.52 10.20 0.82
N GLY A 392 11.26 11.30 0.73
CA GLY A 392 10.88 12.53 1.37
C GLY A 392 11.55 12.83 2.69
N LYS A 393 12.63 12.11 3.02
CA LYS A 393 13.28 12.30 4.31
C LYS A 393 13.72 13.74 4.52
N GLY A 394 14.08 14.44 3.44
CA GLY A 394 14.49 15.83 3.52
C GLY A 394 13.40 16.78 3.97
N ASN A 395 12.13 16.36 3.94
CA ASN A 395 11.02 17.20 4.34
C ASN A 395 10.83 17.27 5.85
N PHE A 396 11.47 16.38 6.62
CA PHE A 396 11.48 16.54 8.07
C PHE A 396 12.11 17.88 8.47
N SER A 397 13.35 18.12 8.02
CA SER A 397 14.02 19.37 8.36
C SER A 397 13.38 20.56 7.67
N GLU A 398 12.96 20.39 6.41
CA GLU A 398 12.35 21.49 5.67
C GLU A 398 11.05 21.97 6.32
N LEU A 399 10.24 21.04 6.83
CA LEU A 399 9.00 21.46 7.47
C LEU A 399 9.26 22.15 8.80
N PHE A 400 10.17 21.58 9.61
CA PHE A 400 10.52 22.21 10.87
C PHE A 400 11.09 23.59 10.65
N LYS A 401 11.97 23.75 9.65
CA LYS A 401 12.54 25.05 9.33
C LYS A 401 11.44 26.02 8.89
N SER A 402 10.53 25.58 8.03
CA SER A 402 9.47 26.46 7.55
C SER A 402 8.49 26.82 8.67
N ILE A 403 8.27 25.91 9.62
CA ILE A 403 7.37 26.21 10.74
C ILE A 403 8.02 27.24 11.67
N GLU A 404 9.33 27.11 11.89
CA GLU A 404 10.03 28.11 12.69
C GLU A 404 10.15 29.44 11.95
N GLU A 405 10.45 29.38 10.64
CA GLU A 405 10.57 30.59 9.84
C GLU A 405 9.23 31.31 9.71
N TYR A 406 8.11 30.57 9.69
CA TYR A 406 6.79 31.20 9.51
C TYR A 406 6.24 31.73 10.82
N GLU A 407 6.65 31.15 11.95
CA GLU A 407 6.47 31.82 13.23
C GLU A 407 7.00 33.25 13.16
N LYS A 408 8.15 33.43 12.51
CA LYS A 408 8.65 34.74 12.09
C LYS A 408 8.71 35.76 13.22
CO CO B . 6.14 7.12 1.75
C10 T9O C . 8.25 12.06 5.99
C15 T9O C . 4.37 15.60 6.20
C17 T9O C . 10.00 5.69 5.44
C1 T9O C . 8.61 8.14 4.24
C2 T9O C . 7.47 8.78 4.17
C3 T9O C . 7.26 10.00 5.06
C4 T9O C . 8.32 11.07 4.83
C5 T9O C . 9.74 10.49 4.87
C6 T9O C . 9.84 8.97 4.64
C9 T9O C . 8.72 6.72 3.64
C11 T9O C . 7.59 13.42 5.69
C12 T9O C . 7.22 13.59 4.22
C14 T9O C . 5.66 15.31 6.94
C18 T9O C . 9.93 5.83 3.92
C19 T9O C . 9.13 4.52 5.80
N16 T9O C . 7.82 6.25 2.90
O7 T9O C . 10.92 8.49 4.81
O8 T9O C . 6.59 8.57 3.11
S13 T9O C . 6.10 13.55 6.73
#